data_7OQ7
#
_entry.id   7OQ7
#
_cell.length_a   82.609
_cell.length_b   110.745
_cell.length_c   61.049
_cell.angle_alpha   90.000
_cell.angle_beta   90.000
_cell.angle_gamma   90.000
#
_symmetry.space_group_name_H-M   'C 2 2 21'
#
loop_
_entity.id
_entity.type
_entity.pdbx_description
1 polymer '14-3-3 protein sigma'
2 polymer 'Estrogen receptor'
3 non-polymer ~{N}-[(5-carbamimidoyl-3-phenyl-thiophen-2-yl)methyl]-2,3-dihydro-1-benzofuran-7-carboxamide
4 non-polymer BETA-MERCAPTOETHANOL
5 non-polymer 'CHLORIDE ION'
6 non-polymer 'MAGNESIUM ION'
7 water water
#
loop_
_entity_poly.entity_id
_entity_poly.type
_entity_poly.pdbx_seq_one_letter_code
_entity_poly.pdbx_strand_id
1 'polypeptide(L)'
;GAMGSMERASLIQKAKLAEQAERYEDMAAFMKGAVEKGEELSCEERNLLSVAYKNVVGGQRAAWRVLSSIEQKSNEEGSE
EKGPEVREYREKVETELQGVCDTVLGLLDSHLIKEAGDAESRVFYLKMKGDYYRYLAEVATGDDKKRIIDSARSAYQEAM
DISKKEMPPTNPIRLGLALNFSVFHYEIANSPEEAISLAKTTFDEAMADLHTLSEDSYKDSTLIMQLLRDNLTLWTADNA
GEEGGEAPQEPQS
;
A
2 'polypeptide(L)' KYYITGEAEGFPA(TPO)V B
#
loop_
_chem_comp.id
_chem_comp.type
_chem_comp.name
_chem_comp.formula
09W non-polymer ~{N}-[(5-carbamimidoyl-3-phenyl-thiophen-2-yl)methyl]-2,3-dihydro-1-benzofuran-7-carboxamide 'C21 H19 N3 O2 S'
BME non-polymer BETA-MERCAPTOETHANOL 'C2 H6 O S'
CL non-polymer 'CHLORIDE ION' 'Cl -1'
MG non-polymer 'MAGNESIUM ION' 'Mg 2'
#
# COMPACT_ATOMS: atom_id res chain seq x y z
N GLY A 1 -16.48 -17.12 5.35
CA GLY A 1 -15.89 -16.07 6.23
C GLY A 1 -16.39 -16.17 7.66
N ALA A 2 -15.45 -16.18 8.61
CA ALA A 2 -15.83 -16.20 10.02
C ALA A 2 -16.62 -14.96 10.41
N MET A 3 -16.55 -13.90 9.59
CA MET A 3 -17.28 -12.66 9.88
C MET A 3 -18.61 -12.59 9.14
N GLY A 4 -19.00 -13.65 8.44
CA GLY A 4 -20.23 -13.60 7.65
C GLY A 4 -21.50 -13.38 8.45
N SER A 5 -21.51 -13.71 9.74
CA SER A 5 -22.73 -13.53 10.52
C SER A 5 -22.82 -12.16 11.18
N MET A 6 -21.81 -11.29 11.03
CA MET A 6 -21.87 -10.00 11.68
C MET A 6 -22.34 -8.95 10.69
N GLU A 7 -23.18 -8.03 11.18
CA GLU A 7 -23.65 -6.90 10.40
C GLU A 7 -22.49 -6.06 9.85
N ARG A 8 -22.67 -5.61 8.60
CA ARG A 8 -21.69 -4.73 7.99
C ARG A 8 -21.36 -3.54 8.88
N ALA A 9 -22.38 -2.86 9.41
CA ALA A 9 -22.14 -1.66 10.20
C ALA A 9 -21.38 -2.02 11.47
N SER A 10 -21.66 -3.19 12.05
CA SER A 10 -20.95 -3.61 13.26
C SER A 10 -19.49 -3.91 12.97
N LEU A 11 -19.22 -4.53 11.82
CA LEU A 11 -17.84 -4.78 11.42
C LEU A 11 -17.05 -3.48 11.27
N ILE A 12 -17.64 -2.46 10.63
CA ILE A 12 -16.96 -1.16 10.49
C ILE A 12 -16.71 -0.55 11.85
N GLN A 13 -17.74 -0.57 12.71
CA GLN A 13 -17.60 -0.01 14.04
C GLN A 13 -16.47 -0.70 14.82
N LYS A 14 -16.41 -2.03 14.74
CA LYS A 14 -15.38 -2.77 15.45
C LYS A 14 -14.01 -2.56 14.83
N ALA A 15 -13.95 -2.37 13.51
CA ALA A 15 -12.66 -2.01 12.91
C ALA A 15 -12.14 -0.69 13.49
N LYS A 16 -13.04 0.28 13.71
CA LYS A 16 -12.63 1.54 14.28
C LYS A 16 -12.19 1.37 15.74
N LEU A 17 -12.87 0.50 16.49
CA LEU A 17 -12.43 0.21 17.86
C LEU A 17 -11.09 -0.52 17.87
N ALA A 18 -10.91 -1.48 16.98
CA ALA A 18 -9.62 -2.18 16.91
C ALA A 18 -8.49 -1.22 16.62
N GLU A 19 -8.73 -0.26 15.71
CA GLU A 19 -7.71 0.72 15.41
C GLU A 19 -7.29 1.47 16.67
N GLN A 20 -8.28 1.94 17.44
CA GLN A 20 -7.98 2.68 18.66
C GLN A 20 -7.21 1.82 19.65
N ALA A 21 -7.47 0.52 19.65
CA ALA A 21 -6.81 -0.43 20.54
C ALA A 21 -5.51 -0.96 19.96
N GLU A 22 -5.11 -0.48 18.79
CA GLU A 22 -3.90 -0.94 18.08
C GLU A 22 -3.92 -2.45 17.88
N ARG A 23 -5.10 -2.96 17.57
CA ARG A 23 -5.32 -4.38 17.31
C ARG A 23 -5.50 -4.56 15.81
N TYR A 24 -4.39 -4.42 15.06
CA TYR A 24 -4.55 -4.29 13.62
C TYR A 24 -4.92 -5.60 12.94
N GLU A 25 -4.55 -6.75 13.51
N GLU A 25 -4.56 -6.75 13.52
CA GLU A 25 -5.00 -8.02 12.93
CA GLU A 25 -4.99 -8.03 12.95
C GLU A 25 -6.51 -8.14 13.01
C GLU A 25 -6.50 -8.18 13.02
N ASP A 26 -7.09 -7.82 14.17
CA ASP A 26 -8.55 -7.79 14.30
C ASP A 26 -9.13 -6.81 13.31
N MET A 27 -8.52 -5.63 13.22
CA MET A 27 -9.03 -4.58 12.36
C MET A 27 -9.12 -5.08 10.93
N ALA A 28 -8.06 -5.74 10.47
CA ALA A 28 -8.02 -6.26 9.11
C ALA A 28 -9.08 -7.32 8.91
N ALA A 29 -9.27 -8.19 9.91
CA ALA A 29 -10.27 -9.22 9.79
C ALA A 29 -11.67 -8.63 9.71
N PHE A 30 -11.93 -7.58 10.51
CA PHE A 30 -13.23 -6.90 10.48
C PHE A 30 -13.46 -6.27 9.10
N MET A 31 -12.44 -5.62 8.55
CA MET A 31 -12.56 -4.95 7.26
C MET A 31 -12.67 -5.95 6.12
N LYS A 32 -11.95 -7.07 6.21
CA LYS A 32 -12.16 -8.16 5.25
C LYS A 32 -13.62 -8.60 5.26
N GLY A 33 -14.17 -8.82 6.46
CA GLY A 33 -15.57 -9.19 6.55
C GLY A 33 -16.47 -8.14 5.93
N ALA A 34 -16.13 -6.87 6.12
CA ALA A 34 -16.93 -5.81 5.53
C ALA A 34 -16.88 -5.86 4.01
N VAL A 35 -15.67 -5.96 3.45
CA VAL A 35 -15.55 -6.09 2.01
C VAL A 35 -16.38 -7.25 1.50
N GLU A 36 -16.37 -8.36 2.23
CA GLU A 36 -17.03 -9.57 1.75
C GLU A 36 -18.54 -9.48 1.79
N LYS A 37 -19.10 -8.42 2.37
CA LYS A 37 -20.52 -8.18 2.27
C LYS A 37 -20.93 -7.86 0.85
N GLY A 38 -19.98 -7.43 0.00
CA GLY A 38 -20.25 -7.29 -1.42
C GLY A 38 -20.59 -5.89 -1.87
N GLU A 39 -20.76 -4.95 -0.95
CA GLU A 39 -21.04 -3.58 -1.33
C GLU A 39 -19.75 -2.77 -1.50
N GLU A 40 -19.86 -1.72 -2.30
CA GLU A 40 -18.74 -0.81 -2.45
C GLU A 40 -18.38 -0.21 -1.09
N LEU A 41 -17.14 0.25 -0.98
CA LEU A 41 -16.66 0.90 0.23
C LEU A 41 -16.64 2.42 0.06
N SER A 42 -17.00 3.12 1.12
CA SER A 42 -16.85 4.56 1.15
C SER A 42 -15.38 4.95 1.31
N CYS A 43 -15.10 6.25 1.19
CA CYS A 43 -13.73 6.72 1.40
C CYS A 43 -13.22 6.32 2.78
N GLU A 44 -14.01 6.58 3.83
CA GLU A 44 -13.54 6.23 5.17
C GLU A 44 -13.27 4.73 5.28
N GLU A 45 -14.16 3.91 4.73
CA GLU A 45 -14.01 2.47 4.76
C GLU A 45 -12.78 2.00 3.98
N ARG A 46 -12.49 2.63 2.83
CA ARG A 46 -11.28 2.29 2.11
C ARG A 46 -10.05 2.59 2.94
N ASN A 47 -10.08 3.75 3.63
CA ASN A 47 -8.96 4.10 4.48
C ASN A 47 -8.81 3.12 5.62
N LEU A 48 -9.93 2.66 6.21
CA LEU A 48 -9.85 1.65 7.27
C LEU A 48 -9.22 0.35 6.76
N LEU A 49 -9.67 -0.13 5.62
CA LEU A 49 -9.09 -1.34 5.02
C LEU A 49 -7.61 -1.19 4.81
N SER A 50 -7.20 -0.06 4.25
N SER A 50 -7.21 -0.06 4.26
CA SER A 50 -5.79 0.11 3.92
CA SER A 50 -5.81 0.15 3.91
C SER A 50 -4.93 0.26 5.16
C SER A 50 -4.95 0.26 5.16
N VAL A 51 -5.41 1.02 6.16
CA VAL A 51 -4.62 1.19 7.39
C VAL A 51 -4.42 -0.16 8.07
N ALA A 52 -5.48 -0.96 8.10
CA ALA A 52 -5.41 -2.23 8.80
C ALA A 52 -4.35 -3.14 8.19
N TYR A 53 -4.46 -3.39 6.90
CA TYR A 53 -3.54 -4.31 6.28
C TYR A 53 -2.13 -3.72 6.15
N LYS A 54 -2.02 -2.39 5.98
CA LYS A 54 -0.68 -1.79 5.96
C LYS A 54 0.02 -2.07 7.27
N ASN A 55 -0.68 -1.98 8.39
CA ASN A 55 -0.04 -2.25 9.66
C ASN A 55 0.30 -3.73 9.83
N VAL A 56 -0.62 -4.62 9.47
CA VAL A 56 -0.33 -6.05 9.57
C VAL A 56 0.89 -6.41 8.73
N VAL A 57 0.86 -6.08 7.44
CA VAL A 57 1.97 -6.47 6.57
C VAL A 57 3.23 -5.70 6.95
N GLY A 58 3.08 -4.48 7.46
CA GLY A 58 4.26 -3.74 7.86
C GLY A 58 5.02 -4.45 8.96
N GLY A 59 4.31 -5.00 9.94
CA GLY A 59 4.98 -5.74 10.99
C GLY A 59 5.65 -6.99 10.47
N GLN A 60 4.99 -7.65 9.51
CA GLN A 60 5.55 -8.85 8.92
C GLN A 60 6.81 -8.53 8.14
N ARG A 61 6.79 -7.42 7.39
CA ARG A 61 7.95 -6.99 6.64
C ARG A 61 9.11 -6.64 7.55
N ALA A 62 8.85 -5.94 8.64
CA ALA A 62 9.91 -5.61 9.58
C ALA A 62 10.53 -6.87 10.16
N ALA A 63 9.68 -7.86 10.48
CA ALA A 63 10.20 -9.11 11.03
C ALA A 63 11.00 -9.87 9.99
N TRP A 64 10.48 -9.93 8.76
CA TRP A 64 11.17 -10.62 7.67
C TRP A 64 12.54 -10.01 7.46
N ARG A 65 12.64 -8.68 7.53
CA ARG A 65 13.93 -8.03 7.30
C ARG A 65 14.93 -8.40 8.39
N VAL A 66 14.47 -8.45 9.65
CA VAL A 66 15.34 -8.86 10.74
C VAL A 66 15.85 -10.28 10.49
N LEU A 67 14.95 -11.20 10.15
CA LEU A 67 15.32 -12.60 10.01
C LEU A 67 16.19 -12.82 8.78
N SER A 68 15.89 -12.10 7.69
N SER A 68 15.88 -12.11 7.68
CA SER A 68 16.68 -12.22 6.47
CA SER A 68 16.69 -12.24 6.48
C SER A 68 18.10 -11.75 6.71
C SER A 68 18.11 -11.76 6.72
N SER A 69 18.27 -10.67 7.48
CA SER A 69 19.61 -10.20 7.79
C SER A 69 20.37 -11.22 8.62
N ILE A 70 19.72 -11.77 9.66
CA ILE A 70 20.34 -12.85 10.42
C ILE A 70 20.69 -14.03 9.51
N GLU A 71 19.75 -14.43 8.66
CA GLU A 71 20.01 -15.53 7.74
C GLU A 71 21.23 -15.24 6.88
N GLN A 72 21.35 -14.00 6.40
CA GLN A 72 22.45 -13.62 5.52
C GLN A 72 23.79 -13.67 6.25
N LYS A 73 23.84 -13.14 7.48
CA LYS A 73 25.07 -13.24 8.26
C LYS A 73 25.45 -14.70 8.48
N SER A 74 24.46 -15.57 8.68
CA SER A 74 24.74 -16.98 8.96
C SER A 74 25.18 -17.74 7.73
N ASN A 75 25.11 -17.16 6.54
CA ASN A 75 25.53 -17.83 5.32
C ASN A 75 26.80 -17.21 4.74
N GLY A 83 22.54 -24.57 11.48
CA GLY A 83 21.25 -25.23 11.49
C GLY A 83 20.19 -24.63 10.58
N PRO A 84 19.12 -25.39 10.31
CA PRO A 84 18.07 -24.92 9.40
C PRO A 84 17.08 -23.95 10.02
N GLU A 85 17.24 -23.61 11.30
CA GLU A 85 16.18 -22.93 12.05
C GLU A 85 15.92 -21.52 11.54
N VAL A 86 16.97 -20.74 11.28
CA VAL A 86 16.80 -19.37 10.81
C VAL A 86 16.07 -19.36 9.47
N ARG A 87 16.50 -20.23 8.54
CA ARG A 87 15.81 -20.30 7.27
C ARG A 87 14.36 -20.72 7.46
N GLU A 88 14.13 -21.76 8.28
CA GLU A 88 12.76 -22.22 8.48
C GLU A 88 11.87 -21.10 9.02
N TYR A 89 12.39 -20.33 9.96
CA TYR A 89 11.53 -19.35 10.62
C TYR A 89 11.36 -18.14 9.72
N ARG A 90 12.40 -17.72 9.02
CA ARG A 90 12.22 -16.72 7.95
C ARG A 90 11.17 -17.19 6.94
N GLU A 91 11.24 -18.45 6.53
CA GLU A 91 10.28 -18.98 5.58
C GLU A 91 8.87 -18.95 6.16
N LYS A 92 8.75 -19.20 7.47
CA LYS A 92 7.43 -19.17 8.10
C LYS A 92 6.83 -17.78 8.02
N VAL A 93 7.62 -16.77 8.42
CA VAL A 93 7.16 -15.39 8.38
C VAL A 93 6.85 -14.99 6.94
N GLU A 94 7.73 -15.39 6.00
CA GLU A 94 7.52 -15.08 4.60
C GLU A 94 6.22 -15.64 4.08
N THR A 95 5.93 -16.91 4.40
CA THR A 95 4.71 -17.54 3.96
C THR A 95 3.49 -16.83 4.52
N GLU A 96 3.54 -16.40 5.78
N GLU A 96 3.54 -16.38 5.78
CA GLU A 96 2.42 -15.68 6.39
CA GLU A 96 2.40 -15.68 6.35
C GLU A 96 2.22 -14.34 5.70
C GLU A 96 2.21 -14.32 5.70
N LEU A 97 3.32 -13.65 5.40
CA LEU A 97 3.28 -12.38 4.69
C LEU A 97 2.66 -12.55 3.32
N GLN A 98 3.12 -13.55 2.55
CA GLN A 98 2.54 -13.81 1.24
C GLN A 98 1.06 -14.11 1.35
N GLY A 99 0.68 -14.82 2.40
CA GLY A 99 -0.73 -15.11 2.60
C GLY A 99 -1.56 -13.86 2.78
N VAL A 100 -1.06 -12.90 3.55
CA VAL A 100 -1.77 -11.63 3.75
C VAL A 100 -1.86 -10.87 2.43
N CYS A 101 -0.75 -10.79 1.70
CA CYS A 101 -0.78 -10.16 0.37
C CYS A 101 -1.76 -10.86 -0.57
N ASP A 102 -1.78 -12.19 -0.59
CA ASP A 102 -2.73 -12.88 -1.45
C ASP A 102 -4.16 -12.57 -1.02
N THR A 103 -4.41 -12.45 0.27
CA THR A 103 -5.74 -12.12 0.76
C THR A 103 -6.17 -10.76 0.27
N VAL A 104 -5.29 -9.76 0.40
CA VAL A 104 -5.62 -8.41 -0.02
C VAL A 104 -5.86 -8.38 -1.53
N LEU A 105 -4.95 -8.99 -2.30
CA LEU A 105 -5.10 -9.00 -3.75
C LEU A 105 -6.39 -9.73 -4.13
N GLY A 106 -6.72 -10.78 -3.39
CA GLY A 106 -7.97 -11.45 -3.64
C GLY A 106 -9.17 -10.56 -3.42
N LEU A 107 -9.13 -9.73 -2.37
CA LEU A 107 -10.24 -8.81 -2.13
C LEU A 107 -10.34 -7.79 -3.27
N LEU A 108 -9.19 -7.33 -3.77
CA LEU A 108 -9.20 -6.34 -4.83
C LEU A 108 -9.76 -6.95 -6.10
N ASP A 109 -9.45 -8.21 -6.34
CA ASP A 109 -9.90 -8.88 -7.56
C ASP A 109 -11.30 -9.45 -7.45
N SER A 110 -11.83 -9.62 -6.23
CA SER A 110 -13.16 -10.19 -5.96
C SER A 110 -13.84 -9.39 -4.85
N HIS A 111 -14.36 -8.19 -5.16
CA HIS A 111 -14.51 -7.67 -6.50
C HIS A 111 -14.38 -6.14 -6.44
N LEU A 112 -13.48 -5.64 -5.58
CA LEU A 112 -13.38 -4.20 -5.34
C LEU A 112 -13.03 -3.43 -6.60
N ILE A 113 -12.02 -3.88 -7.34
CA ILE A 113 -11.58 -3.11 -8.51
C ILE A 113 -12.65 -3.10 -9.58
N LYS A 114 -13.25 -4.25 -9.88
CA LYS A 114 -14.19 -4.27 -10.98
C LYS A 114 -15.44 -3.45 -10.68
N GLU A 115 -15.83 -3.33 -9.42
CA GLU A 115 -17.03 -2.59 -9.06
C GLU A 115 -16.77 -1.10 -8.81
N ALA A 116 -15.52 -0.67 -8.84
CA ALA A 116 -15.16 0.72 -8.51
C ALA A 116 -15.28 1.59 -9.76
N GLY A 117 -16.35 2.37 -9.82
CA GLY A 117 -16.56 3.20 -10.99
C GLY A 117 -15.89 4.56 -10.91
N ASP A 118 -16.00 5.17 -9.74
CA ASP A 118 -15.42 6.49 -9.53
C ASP A 118 -13.92 6.43 -9.63
N ALA A 119 -13.33 7.49 -10.20
CA ALA A 119 -11.89 7.55 -10.37
C ALA A 119 -11.17 7.42 -9.03
N GLU A 120 -11.68 8.11 -8.00
CA GLU A 120 -11.05 8.12 -6.69
C GLU A 120 -10.94 6.72 -6.13
N SER A 121 -11.99 5.93 -6.28
CA SER A 121 -11.96 4.58 -5.74
C SER A 121 -11.07 3.69 -6.59
N ARG A 122 -11.16 3.82 -7.91
CA ARG A 122 -10.36 2.97 -8.77
C ARG A 122 -8.88 3.23 -8.55
N VAL A 123 -8.49 4.50 -8.41
CA VAL A 123 -7.09 4.80 -8.16
C VAL A 123 -6.65 4.20 -6.83
N PHE A 124 -7.47 4.37 -5.79
CA PHE A 124 -7.14 3.82 -4.47
C PHE A 124 -6.86 2.33 -4.55
N TYR A 125 -7.72 1.59 -5.25
CA TYR A 125 -7.55 0.14 -5.26
C TYR A 125 -6.41 -0.30 -6.15
N LEU A 126 -6.19 0.39 -7.27
CA LEU A 126 -5.04 0.06 -8.10
C LEU A 126 -3.73 0.38 -7.40
N LYS A 127 -3.69 1.47 -6.62
CA LYS A 127 -2.54 1.74 -5.78
C LYS A 127 -2.31 0.60 -4.79
N MET A 128 -3.38 0.16 -4.11
CA MET A 128 -3.24 -0.98 -3.21
C MET A 128 -2.70 -2.19 -3.95
N LYS A 129 -3.20 -2.44 -5.16
CA LYS A 129 -2.73 -3.61 -5.89
C LYS A 129 -1.24 -3.49 -6.16
N GLY A 130 -0.77 -2.29 -6.52
CA GLY A 130 0.65 -2.09 -6.71
C GLY A 130 1.42 -2.33 -5.43
N ASP A 131 0.88 -1.83 -4.31
CA ASP A 131 1.56 -1.96 -3.02
C ASP A 131 1.73 -3.44 -2.66
N TYR A 132 0.68 -4.24 -2.79
CA TYR A 132 0.78 -5.62 -2.29
C TYR A 132 1.56 -6.50 -3.25
N TYR A 133 1.58 -6.20 -4.54
CA TYR A 133 2.54 -6.87 -5.40
C TYR A 133 3.97 -6.43 -5.07
N ARG A 134 4.16 -5.15 -4.71
CA ARG A 134 5.49 -4.72 -4.26
C ARG A 134 5.95 -5.51 -3.04
N TYR A 135 5.06 -5.71 -2.06
CA TYR A 135 5.47 -6.46 -0.88
C TYR A 135 5.80 -7.90 -1.24
N LEU A 136 5.03 -8.51 -2.15
CA LEU A 136 5.39 -9.82 -2.66
C LEU A 136 6.76 -9.78 -3.35
N ALA A 137 7.04 -8.73 -4.11
CA ALA A 137 8.32 -8.66 -4.82
C ALA A 137 9.49 -8.59 -3.86
N GLU A 138 9.32 -7.91 -2.71
CA GLU A 138 10.40 -7.80 -1.75
C GLU A 138 10.94 -9.16 -1.33
N VAL A 139 10.09 -10.18 -1.29
CA VAL A 139 10.49 -11.48 -0.76
C VAL A 139 10.59 -12.52 -1.86
N ALA A 140 10.28 -12.16 -3.08
CA ALA A 140 10.28 -13.08 -4.19
C ALA A 140 11.70 -13.33 -4.68
N THR A 141 11.95 -14.56 -5.14
CA THR A 141 13.25 -14.95 -5.68
C THR A 141 12.98 -15.87 -6.88
N GLY A 142 13.33 -15.43 -8.08
CA GLY A 142 13.20 -16.30 -9.23
C GLY A 142 12.55 -15.69 -10.45
N ASP A 143 11.80 -16.52 -11.20
CA ASP A 143 11.05 -16.06 -12.37
C ASP A 143 9.69 -15.50 -12.00
N ASP A 144 9.12 -15.95 -10.86
CA ASP A 144 7.93 -15.28 -10.36
C ASP A 144 8.26 -13.85 -9.93
N LYS A 145 9.51 -13.59 -9.58
CA LYS A 145 9.89 -12.24 -9.17
C LYS A 145 9.65 -11.24 -10.29
N LYS A 146 10.14 -11.52 -11.50
CA LYS A 146 9.95 -10.59 -12.61
C LYS A 146 8.47 -10.35 -12.90
N ARG A 147 7.68 -11.42 -12.95
N ARG A 147 7.67 -11.42 -12.91
CA ARG A 147 6.26 -11.25 -13.19
CA ARG A 147 6.25 -11.29 -13.18
C ARG A 147 5.62 -10.38 -12.10
C ARG A 147 5.56 -10.47 -12.09
N ILE A 148 5.97 -10.63 -10.84
CA ILE A 148 5.40 -9.86 -9.75
C ILE A 148 5.76 -8.39 -9.91
N ILE A 149 7.01 -8.10 -10.23
CA ILE A 149 7.46 -6.72 -10.39
C ILE A 149 6.70 -6.04 -11.51
N ASP A 150 6.59 -6.70 -12.65
CA ASP A 150 5.89 -6.07 -13.76
C ASP A 150 4.42 -5.86 -13.43
N SER A 151 3.84 -6.77 -12.64
CA SER A 151 2.44 -6.63 -12.25
C SER A 151 2.24 -5.44 -11.33
N ALA A 152 3.17 -5.20 -10.40
CA ALA A 152 3.08 -4.02 -9.55
C ALA A 152 3.16 -2.77 -10.41
N ARG A 153 4.13 -2.73 -11.33
CA ARG A 153 4.30 -1.57 -12.19
C ARG A 153 3.04 -1.28 -12.98
N SER A 154 2.43 -2.30 -13.58
CA SER A 154 1.25 -2.07 -14.40
C SER A 154 0.10 -1.51 -13.58
N ALA A 155 -0.12 -2.04 -12.38
CA ALA A 155 -1.16 -1.51 -11.50
C ALA A 155 -0.88 -0.06 -11.12
N TYR A 156 0.35 0.23 -10.68
CA TYR A 156 0.72 1.58 -10.34
C TYR A 156 0.53 2.53 -11.53
N GLN A 157 0.99 2.11 -12.71
CA GLN A 157 0.95 3.01 -13.85
C GLN A 157 -0.48 3.26 -14.29
N GLU A 158 -1.35 2.24 -14.22
CA GLU A 158 -2.74 2.49 -14.56
C GLU A 158 -3.37 3.47 -13.57
N ALA A 159 -3.06 3.31 -12.27
CA ALA A 159 -3.53 4.26 -11.28
C ALA A 159 -3.00 5.67 -11.57
N MET A 160 -1.72 5.78 -11.93
CA MET A 160 -1.17 7.10 -12.25
C MET A 160 -1.92 7.73 -13.43
N ASP A 161 -2.20 6.95 -14.48
CA ASP A 161 -2.86 7.51 -15.66
C ASP A 161 -4.24 8.03 -15.31
N ILE A 162 -4.99 7.30 -14.49
CA ILE A 162 -6.30 7.75 -14.06
C ILE A 162 -6.18 8.99 -13.18
N SER A 163 -5.24 8.97 -12.23
CA SER A 163 -5.12 10.08 -11.30
C SER A 163 -4.75 11.37 -12.04
N LYS A 164 -3.95 11.27 -13.10
CA LYS A 164 -3.56 12.48 -13.81
C LYS A 164 -4.71 13.02 -14.65
N LYS A 165 -5.54 12.13 -15.21
CA LYS A 165 -6.74 12.55 -15.93
C LYS A 165 -7.79 13.14 -14.98
N GLU A 166 -7.96 12.58 -13.77
CA GLU A 166 -9.18 12.81 -13.00
C GLU A 166 -9.00 13.53 -11.68
N MET A 167 -7.78 13.73 -11.20
CA MET A 167 -7.53 14.32 -9.90
C MET A 167 -6.55 15.46 -10.03
N PRO A 168 -6.67 16.47 -9.18
CA PRO A 168 -5.67 17.56 -9.16
C PRO A 168 -4.36 17.10 -8.57
N PRO A 169 -3.26 17.82 -8.84
CA PRO A 169 -1.95 17.37 -8.39
C PRO A 169 -1.78 17.36 -6.90
N THR A 170 -2.67 18.00 -6.14
CA THR A 170 -2.57 17.98 -4.70
C THR A 170 -3.44 16.93 -4.04
N ASN A 171 -4.24 16.21 -4.80
CA ASN A 171 -5.11 15.20 -4.22
CA ASN A 171 -5.11 15.20 -4.22
C ASN A 171 -4.30 14.21 -3.40
N PRO A 172 -4.66 13.94 -2.15
CA PRO A 172 -3.79 13.13 -1.31
C PRO A 172 -3.65 11.69 -1.78
N ILE A 173 -4.67 11.11 -2.42
CA ILE A 173 -4.49 9.75 -2.95
C ILE A 173 -3.55 9.78 -4.15
N ARG A 174 -3.68 10.80 -4.99
CA ARG A 174 -2.72 10.94 -6.07
C ARG A 174 -1.31 11.11 -5.53
N LEU A 175 -1.14 11.94 -4.50
CA LEU A 175 0.19 12.15 -3.96
C LEU A 175 0.75 10.86 -3.36
N GLY A 176 -0.07 10.12 -2.63
CA GLY A 176 0.45 8.92 -1.98
C GLY A 176 0.76 7.83 -2.98
N LEU A 177 -0.05 7.73 -4.04
CA LEU A 177 0.25 6.81 -5.14
C LEU A 177 1.63 7.09 -5.70
N ALA A 178 1.90 8.38 -5.98
CA ALA A 178 3.18 8.75 -6.56
C ALA A 178 4.32 8.48 -5.60
N LEU A 179 4.15 8.82 -4.33
CA LEU A 179 5.12 8.48 -3.31
C LEU A 179 5.47 7.00 -3.33
N ASN A 180 4.45 6.13 -3.33
CA ASN A 180 4.72 4.69 -3.27
C ASN A 180 5.28 4.15 -4.57
N PHE A 181 4.81 4.63 -5.71
CA PHE A 181 5.35 4.20 -7.00
C PHE A 181 6.81 4.61 -7.10
N SER A 182 7.16 5.79 -6.60
CA SER A 182 8.55 6.22 -6.55
C SER A 182 9.40 5.24 -5.75
N VAL A 183 8.89 4.82 -4.59
CA VAL A 183 9.61 3.85 -3.77
C VAL A 183 9.75 2.53 -4.53
N PHE A 184 8.70 2.11 -5.23
CA PHE A 184 8.79 0.93 -6.07
C PHE A 184 9.95 1.04 -7.05
N HIS A 185 10.04 2.17 -7.76
CA HIS A 185 11.11 2.32 -8.73
C HIS A 185 12.45 2.19 -8.06
N TYR A 186 12.62 2.81 -6.89
CA TYR A 186 13.92 2.88 -6.24
C TYR A 186 14.33 1.53 -5.66
N GLU A 187 13.44 0.89 -4.92
N GLU A 187 13.44 0.90 -4.92
CA GLU A 187 13.86 -0.27 -4.14
CA GLU A 187 13.81 -0.28 -4.14
C GLU A 187 13.53 -1.61 -4.79
C GLU A 187 13.62 -1.59 -4.89
N ILE A 188 12.64 -1.64 -5.78
CA ILE A 188 12.23 -2.89 -6.41
C ILE A 188 12.72 -2.96 -7.86
N ALA A 189 12.49 -1.90 -8.63
CA ALA A 189 12.81 -1.94 -10.05
C ALA A 189 14.25 -1.53 -10.36
N ASN A 190 15.05 -1.21 -9.34
CA ASN A 190 16.42 -0.76 -9.53
C ASN A 190 16.48 0.40 -10.52
N SER A 191 15.58 1.35 -10.34
CA SER A 191 15.46 2.51 -11.23
C SER A 191 15.46 3.78 -10.40
N PRO A 192 16.56 4.09 -9.71
CA PRO A 192 16.57 5.22 -8.78
C PRO A 192 16.35 6.56 -9.46
N GLU A 193 16.76 6.72 -10.71
CA GLU A 193 16.53 8.00 -11.37
C GLU A 193 15.04 8.18 -11.67
N GLU A 194 14.36 7.11 -12.07
CA GLU A 194 12.91 7.19 -12.23
C GLU A 194 12.24 7.57 -10.92
N ALA A 195 12.73 6.98 -9.80
CA ALA A 195 12.12 7.25 -8.52
C ALA A 195 12.30 8.70 -8.13
N ILE A 196 13.49 9.23 -8.36
CA ILE A 196 13.80 10.60 -7.97
C ILE A 196 13.02 11.56 -8.86
N SER A 197 12.97 11.30 -10.15
CA SER A 197 12.21 12.15 -11.07
C SER A 197 10.75 12.18 -10.71
N LEU A 198 10.18 11.02 -10.37
CA LEU A 198 8.76 10.99 -10.03
C LEU A 198 8.50 11.76 -8.74
N ALA A 199 9.33 11.58 -7.71
CA ALA A 199 9.04 12.29 -6.47
C ALA A 199 9.21 13.81 -6.66
N LYS A 200 10.22 14.22 -7.43
CA LYS A 200 10.44 15.66 -7.65
C LYS A 200 9.31 16.29 -8.46
N THR A 201 8.95 15.67 -9.57
CA THR A 201 7.89 16.23 -10.41
C THR A 201 6.57 16.26 -9.64
N THR A 202 6.26 15.18 -8.91
CA THR A 202 5.06 15.18 -8.07
C THR A 202 5.09 16.31 -7.05
N PHE A 203 6.22 16.47 -6.37
CA PHE A 203 6.33 17.53 -5.37
C PHE A 203 6.14 18.92 -5.99
N ASP A 204 6.82 19.17 -7.12
CA ASP A 204 6.76 20.51 -7.72
C ASP A 204 5.37 20.82 -8.27
N GLU A 205 4.74 19.85 -8.92
N GLU A 205 4.71 19.84 -8.87
CA GLU A 205 3.38 20.06 -9.43
CA GLU A 205 3.38 20.08 -9.42
C GLU A 205 2.42 20.36 -8.28
C GLU A 205 2.34 20.25 -8.33
N ALA A 206 2.57 19.67 -7.15
CA ALA A 206 1.68 19.91 -6.01
C ALA A 206 1.95 21.28 -5.40
N MET A 207 3.23 21.64 -5.26
CA MET A 207 3.58 22.96 -4.74
C MET A 207 2.84 24.04 -5.50
N ALA A 208 2.80 23.92 -6.83
CA ALA A 208 2.22 24.97 -7.66
C ALA A 208 0.70 25.04 -7.56
N ASP A 209 0.08 24.04 -6.96
CA ASP A 209 -1.37 23.94 -6.87
C ASP A 209 -1.85 24.22 -5.46
N LEU A 210 -0.94 24.44 -4.52
CA LEU A 210 -1.35 24.64 -3.13
C LEU A 210 -2.19 25.90 -2.96
N HIS A 211 -1.98 26.89 -3.84
CA HIS A 211 -2.74 28.13 -3.74
C HIS A 211 -4.24 27.91 -3.90
N THR A 212 -4.65 26.74 -4.40
CA THR A 212 -6.07 26.49 -4.66
C THR A 212 -6.79 25.86 -3.47
N LEU A 213 -6.09 25.58 -2.38
CA LEU A 213 -6.63 24.74 -1.34
C LEU A 213 -7.12 25.53 -0.14
N SER A 214 -8.23 25.08 0.44
CA SER A 214 -8.64 25.50 1.76
C SER A 214 -7.56 25.15 2.78
N GLU A 215 -7.74 25.68 4.00
CA GLU A 215 -6.81 25.39 5.07
C GLU A 215 -6.77 23.89 5.35
N ASP A 216 -7.92 23.21 5.28
CA ASP A 216 -7.95 21.76 5.55
C ASP A 216 -7.25 21.00 4.45
N SER A 217 -7.55 21.33 3.20
CA SER A 217 -6.93 20.63 2.08
C SER A 217 -5.44 20.89 2.04
N TYR A 218 -5.04 22.13 2.35
CA TYR A 218 -3.62 22.45 2.42
C TYR A 218 -2.91 21.52 3.39
N LYS A 219 -3.51 21.31 4.57
CA LYS A 219 -2.94 20.40 5.56
C LYS A 219 -2.80 18.98 4.99
N ASP A 220 -3.87 18.47 4.34
CA ASP A 220 -3.83 17.12 3.79
C ASP A 220 -2.68 16.98 2.80
N SER A 221 -2.58 17.92 1.88
CA SER A 221 -1.62 17.79 0.79
C SER A 221 -0.20 17.97 1.28
N THR A 222 0.05 18.97 2.15
CA THR A 222 1.42 19.21 2.55
C THR A 222 1.96 18.08 3.43
N LEU A 223 1.07 17.36 4.11
CA LEU A 223 1.53 16.22 4.88
C LEU A 223 2.22 15.20 3.98
N ILE A 224 1.58 14.86 2.85
CA ILE A 224 2.17 13.87 1.95
C ILE A 224 3.33 14.47 1.18
N MET A 225 3.26 15.77 0.83
CA MET A 225 4.41 16.38 0.18
C MET A 225 5.65 16.30 1.04
N GLN A 226 5.49 16.42 2.37
CA GLN A 226 6.63 16.28 3.25
C GLN A 226 7.29 14.90 3.10
N LEU A 227 6.47 13.85 2.93
CA LEU A 227 7.05 12.52 2.76
C LEU A 227 7.82 12.41 1.45
N LEU A 228 7.29 13.00 0.38
CA LEU A 228 8.08 13.07 -0.85
C LEU A 228 9.41 13.77 -0.62
N ARG A 229 9.41 14.88 0.12
CA ARG A 229 10.68 15.58 0.37
C ARG A 229 11.59 14.71 1.25
N ASP A 230 11.01 14.04 2.26
CA ASP A 230 11.81 13.16 3.12
C ASP A 230 12.54 12.11 2.29
N ASN A 231 11.85 11.48 1.33
CA ASN A 231 12.50 10.45 0.52
C ASN A 231 13.54 11.05 -0.40
N LEU A 232 13.26 12.20 -1.01
CA LEU A 232 14.24 12.81 -1.89
C LEU A 232 15.51 13.19 -1.13
N THR A 233 15.36 13.66 0.11
CA THR A 233 16.53 14.01 0.91
C THR A 233 17.39 12.77 1.14
N LEU A 234 16.74 11.64 1.35
CA LEU A 234 17.41 10.37 1.58
C LEU A 234 18.12 9.85 0.35
N TRP A 235 17.62 10.20 -0.83
CA TRP A 235 18.11 9.64 -2.08
C TRP A 235 19.10 10.52 -2.83
N THR A 236 19.42 11.70 -2.32
CA THR A 236 20.33 12.61 -3.04
C THR A 236 21.36 13.29 -2.13
N PHE B 11 14.89 3.43 5.62
CA PHE B 11 13.89 2.90 4.69
C PHE B 11 12.83 3.98 4.40
N PRO B 12 12.41 4.10 3.14
CA PRO B 12 11.68 5.29 2.73
C PRO B 12 10.21 5.25 3.09
N ALA B 13 9.61 6.44 3.08
CA ALA B 13 8.24 6.56 3.49
C ALA B 13 7.27 6.12 2.38
N TPO B 14 6.20 5.46 2.79
CA TPO B 14 5.10 5.07 1.93
CB TPO B 14 5.27 3.58 1.45
CG2 TPO B 14 6.46 3.44 0.49
OG1 TPO B 14 5.50 2.83 2.64
P TPO B 14 5.30 1.20 2.50
O1P TPO B 14 5.19 0.76 4.04
O2P TPO B 14 6.59 0.71 1.98
O3P TPO B 14 4.03 0.79 1.66
C TPO B 14 3.82 5.25 2.74
O TPO B 14 3.89 5.25 3.98
N VAL B 15 2.69 5.38 2.05
CA VAL B 15 1.42 5.61 2.74
C VAL B 15 0.30 4.75 2.20
C02 09W C . -8.57 6.09 9.85
C04 09W C . -8.88 7.06 8.74
C05 09W C . -10.20 7.52 8.51
C06 09W C . -10.20 8.50 7.34
C07 09W C . -8.86 8.66 6.85
C08 09W C . -8.45 9.59 5.70
C10 09W C . -6.30 10.49 6.68
C12 09W C . -4.78 10.47 6.73
C13 09W C . -4.03 9.58 5.94
C15 09W C . -3.28 7.80 4.60
C16 09W C . -2.10 8.57 5.09
C17 09W C . -2.66 9.58 6.02
C18 09W C . -2.01 10.46 6.90
C19 09W C . -2.75 11.33 7.68
C20 09W C . -4.14 11.34 7.60
C22 09W C . -11.49 9.16 6.86
C23 09W C . -12.48 9.48 7.79
C24 09W C . -13.67 10.08 7.37
C25 09W C . -13.85 10.31 6.00
C26 09W C . -12.86 9.98 5.09
C27 09W C . -11.69 9.38 5.52
N01 09W C . -7.21 5.69 10.03
N03 09W C . -9.51 5.69 10.58
N09 09W C . -7.00 9.64 5.75
O11 09W C . -6.92 11.20 7.41
O14 09W C . -4.46 8.56 4.96
S21 09W C . -7.78 7.72 7.72
H051 09W C . -10.95 7.27 9.00
H081 09W C . -8.82 10.48 5.84
H082 09W C . -8.76 9.25 4.85
H151 09W C . -3.22 7.72 3.64
H152 09W C . -3.31 6.94 5.05
H161 09W C . -1.50 7.97 5.59
H162 09W C . -1.66 9.01 4.35
H181 09W C . -1.08 10.46 6.95
H191 09W C . -2.32 11.92 8.26
H201 09W C . -4.63 11.93 8.12
H231 09W C . -12.34 9.30 8.69
H241 09W C . -14.33 10.33 7.98
H251 09W C . -14.64 10.70 5.70
H261 09W C . -12.98 10.16 4.19
H271 09W C . -11.04 9.13 4.91
H011 09W C . -7.00 5.14 10.66
H031 09W C . -9.36 5.12 11.25
H091 09W C . -6.55 9.13 5.21
H012 09W C . -6.60 6.01 9.52
C02 09W D . -10.19 15.10 -1.46
C04 09W D . -10.49 14.36 -0.19
C05 09W D . -11.85 13.99 0.03
C06 09W D . -11.97 13.25 1.32
C07 09W D . -10.71 13.15 1.95
C08 09W D . -10.54 12.44 3.29
C10 09W D . -8.23 11.70 3.16
C12 09W D . -6.78 12.06 3.52
C13 09W D . -5.83 11.27 2.99
C15 09W D . -4.77 9.54 1.95
C16 09W D . -3.77 10.47 2.54
C17 09W D . -4.50 11.52 3.25
C18 09W D . -4.09 12.61 4.03
C19 09W D . -5.08 13.42 4.59
C20 09W D . -6.42 13.15 4.31
C22 09W D . -13.31 12.73 1.83
C23 09W D . -14.13 12.02 0.97
C24 09W D . -15.36 11.55 1.40
C25 09W D . -15.74 11.83 2.69
C26 09W D . -14.94 12.55 3.56
C27 09W D . -13.70 13.00 3.12
N01 09W D . -11.02 14.81 -2.62
N03 09W D . -9.27 15.94 -1.51
N09 09W D . -9.17 12.65 3.64
O11 09W D . -8.60 10.76 2.48
O14 09W D . -6.07 10.09 2.16
S21 09W D . -9.53 13.86 1.03
H051 09W D . -12.55 14.18 -0.55
H081 09W D . -10.74 11.50 3.22
H082 09W D . -11.13 12.83 3.96
H151 09W D . -4.71 8.69 2.42
H152 09W D . -4.60 9.46 1.00
H161 09W D . -3.25 10.88 1.82
H162 09W D . -3.21 9.99 3.18
H181 09W D . -3.19 12.78 4.19
H191 09W D . -4.84 14.15 5.12
H201 09W D . -7.08 13.70 4.65
H231 09W D . -13.85 11.87 0.09
H241 09W D . -15.90 11.05 0.84
H251 09W D . -16.57 11.51 2.99
H261 09W D . -15.23 12.74 4.41
H271 09W D . -13.14 13.47 3.69
H011 09W D . -10.87 15.21 -3.37
H031 09W D . -8.78 16.10 -0.78
H091 09W D . -8.92 13.31 4.12
H012 09W D . -11.65 14.22 -2.55
C1 BME E . -10.82 10.70 -1.11
C2 BME E . -11.33 9.29 -1.27
O1 BME E . -9.62 10.65 -0.35
S2 BME E . -10.86 8.32 0.19
H11 BME E . -10.63 11.14 -2.09
H12 BME E . -11.56 11.31 -0.60
H21 BME E . -12.42 9.29 -1.38
H22 BME E . -10.91 8.84 -2.16
HO1 BME E . -8.86 10.61 -0.96
HS2 BME E . -11.29 7.45 0.15
CL CL F . -16.35 -8.99 18.48
MG MG G . -27.24 -6.72 7.11
MG MG H . -19.79 0.65 -8.99
#